data_5YEY
#
_entry.id   5YEY
#
_entity_poly.entity_id   1
_entity_poly.type   'polydeoxyribonucleotide'
_entity_poly.pdbx_seq_one_letter_code
;(DG)(DG)(DG)(DT)(DT)(DA)(DG)(DG)(DG)(DT)(DT)(DA)(DG)(DG)(DG)(DT)(DT)(DT)(DG)(DG)
(DG)
;
_entity_poly.pdbx_strand_id   A
#